data_3W7B
#
_entry.id   3W7B
#
_cell.length_a   79.592
_cell.length_b   90.726
_cell.length_c   87.483
_cell.angle_alpha   90.00
_cell.angle_beta   90.00
_cell.angle_gamma   90.00
#
_symmetry.space_group_name_H-M   'P 21 21 2'
#
loop_
_entity.id
_entity.type
_entity.pdbx_description
1 polymer 'Formyltetrahydrofolate deformylase'
2 water water
#
_entity_poly.entity_id   1
_entity_poly.type   'polypeptide(L)'
_entity_poly.pdbx_seq_one_letter_code
;MEEARLLVTCPDRPGIVAAVSGFLYAHGANITDLQQHSTDPEGGTFFMRVAFTASHLDLARPALERAFQEVVASRFQMQW
RLAYASERKRTAILVSKPAHALLELLWRYRVGELPMELRLVISNHPDHREEVERFGIPYHHVPVEKGRKEEAEERILALL
EAEGVELVVLARYMQILSPGFVERFPMRIINIHHSFLPAFAGADPYRQAYERGVKLIGATAHYVTEELDQGPIIEQDVVR
VSHRHSVREMKRLGRELERTVLARAVRWHLEDRILVHENRTVVFV
;
_entity_poly.pdbx_strand_id   A,B
#
# COMPACT_ATOMS: atom_id res chain seq x y z
N MET A 1 32.06 -23.19 2.89
CA MET A 1 31.24 -24.43 3.01
C MET A 1 30.10 -24.42 2.02
N GLU A 2 29.48 -25.59 1.84
CA GLU A 2 28.36 -25.72 0.93
C GLU A 2 27.05 -25.73 1.71
N GLU A 3 26.10 -24.93 1.27
CA GLU A 3 24.80 -24.87 1.92
C GLU A 3 23.76 -25.55 1.04
N ALA A 4 23.08 -26.53 1.62
CA ALA A 4 22.03 -27.24 0.90
C ALA A 4 20.70 -26.72 1.43
N ARG A 5 19.73 -26.58 0.54
CA ARG A 5 18.42 -26.07 0.94
C ARG A 5 17.34 -27.07 0.59
N LEU A 6 16.56 -27.45 1.59
CA LEU A 6 15.48 -28.40 1.41
C LEU A 6 14.17 -27.67 1.46
N LEU A 7 13.49 -27.63 0.32
CA LEU A 7 12.20 -26.97 0.26
C LEU A 7 11.15 -28.06 0.21
N VAL A 8 10.16 -27.94 1.09
CA VAL A 8 9.11 -28.94 1.19
C VAL A 8 7.74 -28.35 1.41
N THR A 9 6.78 -28.92 0.70
CA THR A 9 5.39 -28.51 0.82
C THR A 9 4.62 -29.84 0.74
N CYS A 10 3.56 -29.97 1.53
CA CYS A 10 2.78 -31.21 1.54
C CYS A 10 1.57 -31.02 2.45
N PRO A 11 0.72 -32.04 2.57
CA PRO A 11 -0.45 -31.90 3.44
C PRO A 11 0.00 -31.89 4.91
N ASP A 12 -0.55 -30.96 5.69
CA ASP A 12 -0.21 -30.81 7.11
C ASP A 12 -0.68 -31.98 7.97
N ARG A 13 0.27 -32.65 8.62
CA ARG A 13 0.03 -33.78 9.52
C ARG A 13 1.08 -33.70 10.61
N PRO A 14 0.83 -34.32 11.77
CA PRO A 14 1.82 -34.26 12.84
C PRO A 14 3.02 -35.13 12.55
N GLY A 15 4.21 -34.66 12.86
CA GLY A 15 5.40 -35.46 12.63
C GLY A 15 6.25 -35.16 11.41
N ILE A 16 5.89 -34.16 10.61
CA ILE A 16 6.69 -33.82 9.43
C ILE A 16 8.06 -33.27 9.82
N VAL A 17 8.08 -32.31 10.73
CA VAL A 17 9.32 -31.73 11.21
C VAL A 17 10.15 -32.82 11.90
N ALA A 18 9.51 -33.62 12.74
CA ALA A 18 10.24 -34.71 13.41
C ALA A 18 10.91 -35.63 12.37
N ALA A 19 10.14 -36.00 11.34
CA ALA A 19 10.64 -36.86 10.27
C ALA A 19 11.80 -36.25 9.49
N VAL A 20 11.65 -34.98 9.11
CA VAL A 20 12.68 -34.30 8.33
C VAL A 20 13.96 -34.01 9.11
N SER A 21 13.82 -33.39 10.28
CA SER A 21 14.99 -33.06 11.09
C SER A 21 15.67 -34.33 11.53
N GLY A 22 14.87 -35.38 11.70
CA GLY A 22 15.40 -36.68 12.10
C GLY A 22 16.15 -37.35 10.96
N PHE A 23 15.65 -37.21 9.74
CA PHE A 23 16.31 -37.80 8.59
C PHE A 23 17.66 -37.09 8.44
N LEU A 24 17.61 -35.76 8.42
CA LEU A 24 18.82 -34.97 8.25
C LEU A 24 19.86 -35.27 9.32
N TYR A 25 19.40 -35.51 10.54
CA TYR A 25 20.32 -35.80 11.62
C TYR A 25 21.07 -37.12 11.39
N ALA A 26 20.34 -38.15 10.95
CA ALA A 26 20.95 -39.45 10.70
C ALA A 26 21.93 -39.43 9.53
N HIS A 27 21.80 -38.45 8.65
CA HIS A 27 22.72 -38.33 7.52
C HIS A 27 23.87 -37.39 7.85
N GLY A 28 24.06 -37.14 9.14
CA GLY A 28 25.15 -36.30 9.60
C GLY A 28 25.20 -34.87 9.10
N ALA A 29 24.04 -34.22 9.04
CA ALA A 29 23.99 -32.85 8.61
C ALA A 29 23.72 -31.96 9.81
N ASN A 30 23.97 -30.66 9.67
CA ASN A 30 23.73 -29.71 10.74
C ASN A 30 22.87 -28.61 10.17
N ILE A 31 21.68 -28.47 10.73
CA ILE A 31 20.73 -27.45 10.32
C ILE A 31 21.29 -26.10 10.69
N THR A 32 21.38 -25.19 9.73
CA THR A 32 21.88 -23.87 9.99
C THR A 32 20.69 -22.91 9.95
N ASP A 33 19.60 -23.37 9.37
CA ASP A 33 18.37 -22.57 9.29
C ASP A 33 17.18 -23.48 9.06
N LEU A 34 16.12 -23.23 9.83
CA LEU A 34 14.90 -24.00 9.73
C LEU A 34 13.70 -23.08 9.94
N GLN A 35 12.78 -23.09 8.99
CA GLN A 35 11.58 -22.29 9.07
C GLN A 35 10.45 -23.15 8.54
N GLN A 36 9.24 -22.97 9.08
CA GLN A 36 8.08 -23.72 8.65
C GLN A 36 6.78 -22.93 8.85
N HIS A 37 5.76 -23.28 8.07
CA HIS A 37 4.47 -22.61 8.16
C HIS A 37 3.37 -23.64 7.87
N SER A 38 2.21 -23.48 8.52
CA SER A 38 1.05 -24.34 8.34
C SER A 38 -0.13 -23.41 8.07
N THR A 39 -0.83 -23.60 6.96
CA THR A 39 -1.97 -22.74 6.66
C THR A 39 -3.09 -22.95 7.68
N ASP A 40 -3.05 -24.08 8.38
CA ASP A 40 -4.04 -24.41 9.38
C ASP A 40 -3.47 -25.40 10.39
N PRO A 41 -3.81 -25.24 11.68
CA PRO A 41 -3.30 -26.14 12.71
C PRO A 41 -3.49 -27.58 12.23
N GLU A 42 -4.75 -28.00 12.18
CA GLU A 42 -5.10 -29.33 11.71
C GLU A 42 -5.67 -29.13 10.31
N GLY A 43 -5.27 -29.99 9.38
CA GLY A 43 -5.74 -29.85 8.01
C GLY A 43 -4.99 -28.71 7.36
N GLY A 44 -5.08 -28.61 6.04
CA GLY A 44 -4.38 -27.55 5.34
C GLY A 44 -3.08 -28.05 4.75
N THR A 45 -2.13 -27.15 4.53
CA THR A 45 -0.86 -27.56 3.95
C THR A 45 0.37 -27.10 4.76
N PHE A 46 1.43 -27.88 4.66
CA PHE A 46 2.68 -27.64 5.37
C PHE A 46 3.77 -27.11 4.45
N PHE A 47 4.59 -26.22 4.99
CA PHE A 47 5.69 -25.61 4.24
C PHE A 47 6.94 -25.59 5.09
N MET A 48 8.08 -25.86 4.48
CA MET A 48 9.30 -25.80 5.23
C MET A 48 10.54 -25.65 4.37
N ARG A 49 11.43 -24.76 4.80
CA ARG A 49 12.70 -24.55 4.13
C ARG A 49 13.77 -24.88 5.18
N VAL A 50 14.66 -25.80 4.86
CA VAL A 50 15.72 -26.16 5.79
C VAL A 50 17.09 -25.96 5.14
N ALA A 51 17.86 -25.01 5.61
CA ALA A 51 19.19 -24.81 5.06
C ALA A 51 20.14 -25.54 5.98
N PHE A 52 21.07 -26.30 5.39
CA PHE A 52 22.02 -27.06 6.19
C PHE A 52 23.36 -27.31 5.52
N THR A 53 24.30 -27.83 6.30
CA THR A 53 25.62 -28.15 5.79
C THR A 53 25.91 -29.62 6.10
N ALA A 54 26.97 -30.16 5.51
CA ALA A 54 27.36 -31.55 5.74
C ALA A 54 28.57 -31.87 4.88
N SER A 55 29.41 -32.77 5.38
CA SER A 55 30.62 -33.15 4.68
C SER A 55 30.36 -33.96 3.40
N HIS A 56 30.97 -33.50 2.32
CA HIS A 56 30.88 -34.17 1.03
C HIS A 56 29.50 -34.07 0.37
N LEU A 57 28.96 -32.87 0.25
CA LEU A 57 27.67 -32.68 -0.39
C LEU A 57 27.86 -32.73 -1.91
N ASP A 58 28.63 -33.72 -2.37
CA ASP A 58 28.90 -33.89 -3.79
C ASP A 58 28.24 -35.13 -4.37
N LEU A 59 28.99 -36.24 -4.42
CA LEU A 59 28.45 -37.48 -4.95
C LEU A 59 27.51 -38.04 -3.88
N ALA A 60 27.50 -37.36 -2.73
CA ALA A 60 26.65 -37.74 -1.62
C ALA A 60 25.30 -37.08 -1.82
N ARG A 61 25.10 -36.49 -2.99
CA ARG A 61 23.85 -35.81 -3.30
C ARG A 61 22.76 -36.70 -3.90
N PRO A 62 23.02 -37.35 -5.05
CA PRO A 62 21.98 -38.20 -5.62
C PRO A 62 21.45 -39.23 -4.61
N ALA A 63 22.34 -39.70 -3.74
CA ALA A 63 21.99 -40.68 -2.70
C ALA A 63 21.13 -40.04 -1.61
N LEU A 64 21.46 -38.80 -1.27
CA LEU A 64 20.73 -38.05 -0.25
C LEU A 64 19.32 -37.86 -0.77
N GLU A 65 19.18 -37.72 -2.09
CA GLU A 65 17.87 -37.53 -2.71
C GLU A 65 17.07 -38.83 -2.74
N ARG A 66 17.73 -39.92 -3.11
CA ARG A 66 17.03 -41.21 -3.16
C ARG A 66 16.40 -41.51 -1.80
N ALA A 67 17.21 -41.41 -0.75
CA ALA A 67 16.77 -41.70 0.60
C ALA A 67 15.65 -40.79 1.08
N PHE A 68 15.83 -39.48 0.89
CA PHE A 68 14.80 -38.55 1.34
C PHE A 68 13.48 -38.91 0.67
N GLN A 69 13.56 -39.26 -0.61
CA GLN A 69 12.38 -39.63 -1.40
C GLN A 69 11.73 -40.91 -0.91
N GLU A 70 12.54 -41.93 -0.63
CA GLU A 70 11.98 -43.20 -0.16
C GLU A 70 11.52 -43.13 1.27
N VAL A 71 12.38 -42.60 2.13
CA VAL A 71 12.10 -42.51 3.54
C VAL A 71 11.10 -41.44 3.99
N VAL A 72 11.23 -40.20 3.48
CA VAL A 72 10.34 -39.11 3.90
C VAL A 72 9.31 -38.65 2.86
N ALA A 73 9.77 -38.22 1.69
CA ALA A 73 8.90 -37.70 0.63
C ALA A 73 7.64 -38.53 0.35
N SER A 74 7.82 -39.80 0.00
CA SER A 74 6.70 -40.68 -0.30
C SER A 74 5.76 -40.86 0.90
N ARG A 75 6.34 -40.97 2.10
CA ARG A 75 5.55 -41.14 3.31
C ARG A 75 4.55 -39.99 3.49
N PHE A 76 4.99 -38.77 3.25
CA PHE A 76 4.12 -37.62 3.44
C PHE A 76 3.53 -36.98 2.19
N GLN A 77 3.70 -37.60 1.03
CA GLN A 77 3.17 -37.06 -0.22
C GLN A 77 3.70 -35.64 -0.34
N MET A 78 5.01 -35.49 -0.16
CA MET A 78 5.62 -34.18 -0.23
C MET A 78 6.01 -33.77 -1.64
N GLN A 79 5.96 -32.46 -1.88
CA GLN A 79 6.41 -31.83 -3.12
C GLN A 79 7.69 -31.23 -2.56
N TRP A 80 8.83 -31.54 -3.15
CA TRP A 80 10.08 -31.01 -2.63
C TRP A 80 11.17 -30.79 -3.67
N ARG A 81 12.28 -30.20 -3.20
CA ARG A 81 13.40 -29.87 -4.05
C ARG A 81 14.62 -29.63 -3.15
N LEU A 82 15.78 -30.13 -3.58
CA LEU A 82 17.02 -29.96 -2.83
C LEU A 82 17.89 -29.03 -3.66
N ALA A 83 18.19 -27.85 -3.13
CA ALA A 83 19.00 -26.89 -3.87
C ALA A 83 20.28 -26.55 -3.14
N TYR A 84 21.31 -26.27 -3.92
CA TYR A 84 22.64 -25.92 -3.40
C TYR A 84 23.00 -24.47 -3.75
N ALA A 85 23.61 -23.78 -2.79
CA ALA A 85 24.00 -22.38 -2.98
C ALA A 85 25.03 -22.21 -4.09
N SER A 86 25.92 -23.19 -4.24
CA SER A 86 26.95 -23.10 -5.27
C SER A 86 26.32 -23.07 -6.65
N GLU A 87 25.10 -23.61 -6.76
CA GLU A 87 24.37 -23.63 -8.01
C GLU A 87 23.97 -22.20 -8.36
N ARG A 88 24.22 -21.80 -9.60
CA ARG A 88 23.89 -20.45 -10.05
C ARG A 88 22.86 -20.55 -11.17
N LYS A 89 21.60 -20.28 -10.82
CA LYS A 89 20.50 -20.36 -11.77
C LYS A 89 20.65 -19.56 -13.06
N ARG A 90 20.68 -20.25 -14.19
CA ARG A 90 20.78 -19.60 -15.49
C ARG A 90 19.53 -18.77 -15.68
N THR A 91 19.68 -17.46 -15.76
CA THR A 91 18.52 -16.59 -15.90
C THR A 91 18.51 -15.69 -17.15
N ALA A 92 17.35 -15.12 -17.43
CA ALA A 92 17.21 -14.23 -18.59
C ALA A 92 16.34 -13.05 -18.18
N ILE A 93 16.62 -11.89 -18.75
CA ILE A 93 15.84 -10.70 -18.44
C ILE A 93 15.18 -10.17 -19.70
N LEU A 94 13.85 -10.16 -19.74
CA LEU A 94 13.16 -9.60 -20.90
C LEU A 94 12.84 -8.14 -20.56
N VAL A 95 13.03 -7.24 -21.52
CA VAL A 95 12.76 -5.84 -21.26
C VAL A 95 12.32 -5.13 -22.54
N SER A 96 11.53 -4.08 -22.36
CA SER A 96 11.04 -3.29 -23.50
C SER A 96 11.63 -1.89 -23.39
N LYS A 97 10.76 -0.89 -23.40
CA LYS A 97 11.22 0.48 -23.33
C LYS A 97 11.82 0.92 -21.99
N PRO A 98 11.05 0.79 -20.88
CA PRO A 98 11.57 1.20 -19.58
C PRO A 98 12.87 0.49 -19.23
N ALA A 99 13.80 1.22 -18.62
CA ALA A 99 15.07 0.63 -18.27
C ALA A 99 15.41 0.61 -16.77
N HIS A 100 14.55 1.19 -15.93
CA HIS A 100 14.85 1.22 -14.51
C HIS A 100 14.99 -0.16 -13.86
N ALA A 101 14.11 -1.09 -14.21
CA ALA A 101 14.15 -2.43 -13.65
C ALA A 101 15.41 -3.15 -14.11
N LEU A 102 15.62 -3.22 -15.42
CA LEU A 102 16.80 -3.88 -16.00
C LEU A 102 18.11 -3.38 -15.36
N LEU A 103 18.30 -2.07 -15.36
CA LEU A 103 19.50 -1.47 -14.80
C LEU A 103 19.77 -1.88 -13.34
N GLU A 104 18.75 -1.81 -12.49
CA GLU A 104 18.95 -2.17 -11.09
C GLU A 104 19.43 -3.62 -11.02
N LEU A 105 18.79 -4.51 -11.79
CA LEU A 105 19.18 -5.91 -11.83
C LEU A 105 20.63 -6.12 -12.33
N LEU A 106 20.97 -5.47 -13.44
CA LEU A 106 22.32 -5.58 -13.98
C LEU A 106 23.35 -5.16 -12.95
N TRP A 107 23.14 -3.98 -12.36
CA TRP A 107 24.08 -3.46 -11.38
C TRP A 107 24.17 -4.35 -10.14
N ARG A 108 23.02 -4.71 -9.58
CA ARG A 108 23.00 -5.55 -8.39
C ARG A 108 23.70 -6.85 -8.71
N TYR A 109 23.64 -7.25 -9.97
CA TYR A 109 24.29 -8.46 -10.41
C TYR A 109 25.81 -8.23 -10.45
N ARG A 110 26.20 -7.10 -11.03
CA ARG A 110 27.60 -6.70 -11.14
C ARG A 110 28.32 -6.60 -9.78
N VAL A 111 27.67 -6.03 -8.77
CA VAL A 111 28.31 -5.92 -7.46
C VAL A 111 28.09 -7.17 -6.62
N GLY A 112 27.67 -8.24 -7.27
CA GLY A 112 27.46 -9.51 -6.59
C GLY A 112 26.42 -9.58 -5.50
N GLU A 113 25.24 -9.00 -5.73
CA GLU A 113 24.16 -9.04 -4.74
C GLU A 113 22.95 -9.81 -5.28
N LEU A 114 23.15 -10.54 -6.37
CA LEU A 114 22.11 -11.38 -6.97
C LEU A 114 22.87 -12.63 -7.42
N PRO A 115 22.63 -13.76 -6.72
CA PRO A 115 23.28 -15.05 -7.00
C PRO A 115 22.64 -15.82 -8.17
N MET A 116 22.92 -15.36 -9.38
CA MET A 116 22.38 -15.99 -10.59
C MET A 116 23.48 -16.10 -11.62
N GLU A 117 23.09 -16.51 -12.82
CA GLU A 117 24.00 -16.61 -13.96
C GLU A 117 23.23 -15.98 -15.11
N LEU A 118 23.33 -14.67 -15.25
CA LEU A 118 22.64 -13.96 -16.31
C LEU A 118 23.20 -14.35 -17.69
N ARG A 119 22.43 -15.11 -18.46
CA ARG A 119 22.86 -15.58 -19.77
C ARG A 119 22.64 -14.61 -20.91
N LEU A 120 21.54 -13.88 -20.87
CA LEU A 120 21.22 -12.93 -21.92
C LEU A 120 20.05 -12.02 -21.55
N VAL A 121 19.96 -10.91 -22.28
CA VAL A 121 18.88 -9.95 -22.09
C VAL A 121 18.14 -9.88 -23.44
N ILE A 122 16.85 -10.16 -23.40
CA ILE A 122 16.04 -10.14 -24.61
C ILE A 122 15.14 -8.92 -24.61
N SER A 123 15.08 -8.24 -25.74
CA SER A 123 14.28 -7.03 -25.85
C SER A 123 13.65 -6.90 -27.22
N ASN A 124 12.45 -6.35 -27.26
CA ASN A 124 11.74 -6.16 -28.51
C ASN A 124 12.02 -4.71 -28.95
N HIS A 125 13.10 -4.16 -28.40
CA HIS A 125 13.55 -2.81 -28.69
C HIS A 125 15.07 -2.86 -28.72
N PRO A 126 15.72 -1.85 -29.32
CA PRO A 126 17.18 -1.89 -29.35
C PRO A 126 17.79 -1.01 -28.25
N ASP A 127 17.00 -0.05 -27.79
CA ASP A 127 17.42 0.91 -26.76
C ASP A 127 18.52 0.58 -25.75
N HIS A 128 18.52 -0.62 -25.17
CA HIS A 128 19.51 -0.93 -24.14
C HIS A 128 20.74 -1.76 -24.55
N ARG A 129 20.90 -2.04 -25.84
CA ARG A 129 22.04 -2.84 -26.28
C ARG A 129 23.35 -2.30 -25.75
N GLU A 130 23.57 -0.99 -25.86
CA GLU A 130 24.83 -0.40 -25.41
C GLU A 130 25.15 -0.61 -23.94
N GLU A 131 24.18 -0.34 -23.06
CA GLU A 131 24.40 -0.50 -21.63
C GLU A 131 24.59 -1.95 -21.27
N VAL A 132 23.71 -2.82 -21.77
CA VAL A 132 23.79 -4.23 -21.47
C VAL A 132 25.11 -4.86 -21.91
N GLU A 133 25.56 -4.54 -23.11
CA GLU A 133 26.81 -5.10 -23.61
C GLU A 133 28.00 -4.62 -22.80
N ARG A 134 27.92 -3.41 -22.26
CA ARG A 134 29.02 -2.89 -21.44
C ARG A 134 29.19 -3.78 -20.20
N PHE A 135 28.16 -4.55 -19.85
CA PHE A 135 28.24 -5.46 -18.71
C PHE A 135 28.73 -6.88 -19.10
N GLY A 136 29.07 -7.06 -20.37
CA GLY A 136 29.54 -8.35 -20.84
C GLY A 136 28.43 -9.37 -20.94
N ILE A 137 27.22 -8.91 -21.21
CA ILE A 137 26.06 -9.79 -21.33
C ILE A 137 25.39 -9.66 -22.70
N PRO A 138 25.11 -10.78 -23.33
CA PRO A 138 24.46 -10.80 -24.66
C PRO A 138 23.13 -10.08 -24.70
N TYR A 139 22.98 -9.21 -25.68
CA TYR A 139 21.75 -8.49 -25.86
C TYR A 139 21.12 -8.99 -27.15
N HIS A 140 19.89 -9.49 -27.07
CA HIS A 140 19.20 -10.01 -28.24
C HIS A 140 17.99 -9.17 -28.58
N HIS A 141 18.04 -8.49 -29.72
CA HIS A 141 16.91 -7.68 -30.12
C HIS A 141 16.05 -8.50 -31.08
N VAL A 142 14.87 -8.86 -30.61
CA VAL A 142 13.94 -9.63 -31.41
C VAL A 142 12.60 -8.91 -31.39
N PRO A 143 12.30 -8.21 -32.49
CA PRO A 143 11.06 -7.46 -32.65
C PRO A 143 9.80 -8.29 -32.43
N VAL A 144 8.76 -7.59 -32.00
CA VAL A 144 7.46 -8.20 -31.75
C VAL A 144 6.48 -7.49 -32.70
N GLU A 145 6.28 -8.08 -33.87
CA GLU A 145 5.41 -7.51 -34.90
C GLU A 145 3.93 -7.81 -34.66
N LYS A 146 3.08 -6.95 -35.21
CA LYS A 146 1.63 -7.07 -35.11
C LYS A 146 1.19 -8.38 -35.72
N GLY A 147 0.45 -9.19 -34.96
CA GLY A 147 -0.01 -10.48 -35.45
C GLY A 147 1.12 -11.48 -35.54
N ARG A 148 2.31 -10.97 -35.84
CA ARG A 148 3.50 -11.79 -35.96
C ARG A 148 4.07 -12.05 -34.57
N LYS A 149 3.17 -12.18 -33.60
CA LYS A 149 3.55 -12.44 -32.21
C LYS A 149 4.17 -13.82 -32.12
N GLU A 150 3.46 -14.81 -32.64
CA GLU A 150 3.95 -16.18 -32.61
C GLU A 150 5.34 -16.19 -33.22
N GLU A 151 5.53 -15.33 -34.22
CA GLU A 151 6.80 -15.21 -34.90
C GLU A 151 7.88 -14.94 -33.85
N ALA A 152 7.74 -13.83 -33.15
CA ALA A 152 8.69 -13.44 -32.12
C ALA A 152 8.90 -14.53 -31.05
N GLU A 153 7.85 -14.87 -30.30
CA GLU A 153 7.94 -15.87 -29.23
C GLU A 153 8.71 -17.15 -29.57
N GLU A 154 8.67 -17.59 -30.81
CA GLU A 154 9.40 -18.80 -31.19
C GLU A 154 10.89 -18.58 -30.97
N ARG A 155 11.39 -17.44 -31.44
CA ARG A 155 12.80 -17.09 -31.29
C ARG A 155 13.16 -17.07 -29.81
N ILE A 156 12.42 -16.28 -29.04
CA ILE A 156 12.64 -16.16 -27.61
C ILE A 156 12.74 -17.52 -26.93
N LEU A 157 11.80 -18.40 -27.20
CA LEU A 157 11.84 -19.71 -26.59
C LEU A 157 13.12 -20.44 -26.98
N ALA A 158 13.37 -20.53 -28.29
CA ALA A 158 14.57 -21.20 -28.76
C ALA A 158 15.79 -20.64 -28.04
N LEU A 159 15.81 -19.31 -27.92
CA LEU A 159 16.89 -18.61 -27.22
C LEU A 159 17.08 -19.11 -25.79
N LEU A 160 15.99 -19.07 -25.01
CA LEU A 160 16.03 -19.52 -23.61
C LEU A 160 16.37 -21.01 -23.51
N GLU A 161 15.75 -21.82 -24.35
CA GLU A 161 15.99 -23.26 -24.34
C GLU A 161 17.43 -23.56 -24.70
N ALA A 162 17.99 -22.79 -25.62
CA ALA A 162 19.38 -22.97 -26.03
C ALA A 162 20.31 -22.65 -24.87
N GLU A 163 19.97 -21.59 -24.12
CA GLU A 163 20.78 -21.15 -23.00
C GLU A 163 20.54 -21.91 -21.68
N GLY A 164 19.45 -22.66 -21.60
CA GLY A 164 19.15 -23.39 -20.38
C GLY A 164 18.63 -22.47 -19.30
N VAL A 165 17.82 -21.49 -19.70
CA VAL A 165 17.27 -20.56 -18.76
C VAL A 165 16.32 -21.26 -17.80
N GLU A 166 16.58 -21.12 -16.50
CA GLU A 166 15.77 -21.72 -15.45
C GLU A 166 14.81 -20.68 -14.88
N LEU A 167 15.18 -19.41 -15.03
CA LEU A 167 14.38 -18.31 -14.52
C LEU A 167 14.26 -17.20 -15.53
N VAL A 168 13.05 -16.74 -15.79
CA VAL A 168 12.89 -15.63 -16.71
C VAL A 168 12.40 -14.48 -15.84
N VAL A 169 13.00 -13.31 -15.99
CA VAL A 169 12.61 -12.14 -15.22
C VAL A 169 12.09 -11.04 -16.16
N LEU A 170 10.82 -10.67 -16.01
CA LEU A 170 10.25 -9.64 -16.88
C LEU A 170 10.51 -8.26 -16.27
N ALA A 171 11.61 -7.63 -16.68
CA ALA A 171 11.98 -6.32 -16.16
C ALA A 171 11.26 -5.19 -16.87
N ARG A 172 9.93 -5.20 -16.75
CA ARG A 172 9.07 -4.23 -17.41
C ARG A 172 9.10 -4.51 -18.90
N TYR A 173 8.69 -5.73 -19.25
CA TYR A 173 8.58 -6.17 -20.63
C TYR A 173 7.13 -5.80 -20.97
N MET A 174 6.92 -4.98 -22.01
CA MET A 174 5.57 -4.53 -22.36
C MET A 174 4.75 -5.37 -23.32
N GLN A 175 5.18 -6.59 -23.63
CA GLN A 175 4.42 -7.43 -24.54
C GLN A 175 3.83 -8.62 -23.79
N ILE A 176 2.62 -9.01 -24.17
CA ILE A 176 1.95 -10.12 -23.52
C ILE A 176 2.54 -11.47 -23.96
N LEU A 177 2.45 -12.46 -23.08
CA LEU A 177 2.98 -13.77 -23.37
C LEU A 177 1.87 -14.80 -23.48
N SER A 178 1.79 -15.45 -24.64
CA SER A 178 0.78 -16.47 -24.87
C SER A 178 0.90 -17.55 -23.80
N PRO A 179 -0.23 -18.15 -23.41
CA PRO A 179 -0.26 -19.20 -22.39
C PRO A 179 0.72 -20.33 -22.71
N GLY A 180 0.95 -20.57 -23.99
CA GLY A 180 1.85 -21.61 -24.41
C GLY A 180 3.26 -21.38 -23.87
N PHE A 181 3.72 -20.14 -24.00
CA PHE A 181 5.04 -19.75 -23.54
C PHE A 181 5.14 -19.90 -22.02
N VAL A 182 4.21 -19.25 -21.31
CA VAL A 182 4.20 -19.32 -19.85
C VAL A 182 4.17 -20.77 -19.38
N GLU A 183 3.53 -21.62 -20.16
CA GLU A 183 3.40 -23.04 -19.86
C GLU A 183 4.76 -23.76 -19.75
N ARG A 184 5.80 -23.20 -20.33
CA ARG A 184 7.14 -23.81 -20.29
C ARG A 184 7.99 -23.29 -19.14
N PHE A 185 7.45 -22.34 -18.39
CA PHE A 185 8.18 -21.77 -17.26
C PHE A 185 7.28 -21.59 -16.06
N PRO A 186 6.77 -22.72 -15.51
CA PRO A 186 5.88 -22.73 -14.35
C PRO A 186 6.57 -22.18 -13.10
N MET A 187 6.01 -21.12 -12.54
CA MET A 187 6.58 -20.51 -11.35
C MET A 187 8.08 -20.29 -11.57
N ARG A 188 8.42 -19.84 -12.77
CA ARG A 188 9.80 -19.54 -13.16
C ARG A 188 9.88 -18.20 -13.88
N ILE A 189 8.73 -17.54 -14.01
CA ILE A 189 8.68 -16.24 -14.64
C ILE A 189 8.19 -15.18 -13.64
N ILE A 190 9.10 -14.34 -13.18
CA ILE A 190 8.77 -13.29 -12.22
C ILE A 190 8.48 -11.98 -12.96
N ASN A 191 7.40 -11.31 -12.57
CA ASN A 191 7.01 -10.06 -13.20
C ASN A 191 6.79 -8.94 -12.17
N ILE A 192 6.81 -7.69 -12.63
CA ILE A 192 6.61 -6.54 -11.76
C ILE A 192 5.60 -5.59 -12.39
N HIS A 193 4.82 -4.91 -11.56
CA HIS A 193 3.82 -3.95 -12.05
C HIS A 193 3.37 -2.96 -10.98
N HIS A 194 2.83 -1.84 -11.43
CA HIS A 194 2.35 -0.77 -10.55
C HIS A 194 1.03 -1.16 -9.88
N SER A 195 0.85 -0.68 -8.66
CA SER A 195 -0.37 -0.94 -7.88
C SER A 195 -0.82 0.38 -7.27
N PHE A 196 -2.09 0.45 -6.87
CA PHE A 196 -2.62 1.68 -6.27
C PHE A 196 -3.74 1.43 -5.25
N LEU A 197 -4.27 2.53 -4.68
CA LEU A 197 -5.35 2.47 -3.72
C LEU A 197 -6.29 3.65 -3.92
N PRO A 198 -7.44 3.44 -4.57
CA PRO A 198 -7.88 2.15 -5.12
C PRO A 198 -7.13 1.80 -6.41
N ALA A 199 -7.29 0.57 -6.88
CA ALA A 199 -6.62 0.12 -8.10
C ALA A 199 -7.03 1.02 -9.27
N PHE A 200 -6.11 1.27 -10.19
CA PHE A 200 -6.39 2.14 -11.35
C PHE A 200 -6.24 1.48 -12.71
N ALA A 201 -7.34 0.91 -13.20
CA ALA A 201 -7.35 0.27 -14.51
C ALA A 201 -7.71 1.32 -15.56
N GLY A 202 -6.73 1.68 -16.39
CA GLY A 202 -7.00 2.67 -17.41
C GLY A 202 -5.74 3.05 -18.18
N ALA A 203 -5.80 4.19 -18.86
CA ALA A 203 -4.66 4.69 -19.64
C ALA A 203 -3.96 5.79 -18.84
N ASP A 204 -2.71 5.54 -18.47
CA ASP A 204 -1.91 6.49 -17.70
C ASP A 204 -2.29 6.51 -16.23
N PRO A 205 -2.25 5.34 -15.58
CA PRO A 205 -2.60 5.26 -14.15
C PRO A 205 -1.85 6.29 -13.28
N TYR A 206 -0.59 6.55 -13.61
CA TYR A 206 0.20 7.53 -12.85
C TYR A 206 -0.34 8.93 -13.04
N ARG A 207 -1.42 9.04 -13.79
CA ARG A 207 -2.05 10.33 -14.03
C ARG A 207 -3.41 10.27 -13.35
N GLN A 208 -3.90 9.04 -13.16
CA GLN A 208 -5.19 8.82 -12.49
C GLN A 208 -4.99 8.76 -10.98
N ALA A 209 -3.83 8.30 -10.55
CA ALA A 209 -3.52 8.22 -9.13
C ALA A 209 -3.33 9.64 -8.63
N TYR A 210 -2.62 10.44 -9.42
CA TYR A 210 -2.38 11.84 -9.10
C TYR A 210 -3.70 12.59 -9.15
N GLU A 211 -4.60 12.15 -10.03
CA GLU A 211 -5.91 12.76 -10.23
C GLU A 211 -6.88 12.45 -9.09
N ARG A 212 -6.65 11.33 -8.41
CA ARG A 212 -7.49 10.90 -7.31
C ARG A 212 -6.88 11.41 -5.98
N GLY A 213 -5.63 11.87 -6.06
CA GLY A 213 -4.95 12.39 -4.89
C GLY A 213 -4.46 11.31 -3.93
N VAL A 214 -3.93 10.21 -4.45
CA VAL A 214 -3.46 9.14 -3.59
C VAL A 214 -2.24 9.54 -2.76
N LYS A 215 -2.04 8.86 -1.64
CA LYS A 215 -0.92 9.16 -0.75
C LYS A 215 0.04 7.98 -0.75
N LEU A 216 -0.18 7.06 -1.69
CA LEU A 216 0.63 5.86 -1.82
C LEU A 216 0.76 5.38 -3.25
N ILE A 217 1.90 4.75 -3.53
CA ILE A 217 2.18 4.16 -4.82
C ILE A 217 2.58 2.73 -4.46
N GLY A 218 2.02 1.75 -5.15
CA GLY A 218 2.38 0.36 -4.88
C GLY A 218 3.04 -0.31 -6.06
N ALA A 219 3.65 -1.47 -5.82
CA ALA A 219 4.29 -2.24 -6.86
C ALA A 219 4.17 -3.70 -6.44
N THR A 220 3.90 -4.57 -7.38
CA THR A 220 3.72 -5.98 -7.07
C THR A 220 4.56 -6.93 -7.93
N ALA A 221 5.41 -7.72 -7.30
CA ALA A 221 6.22 -8.70 -8.03
C ALA A 221 5.51 -10.05 -7.89
N HIS A 222 5.23 -10.71 -9.01
CA HIS A 222 4.53 -12.00 -8.94
C HIS A 222 4.97 -13.02 -9.98
N TYR A 223 4.58 -14.29 -9.76
CA TYR A 223 4.90 -15.34 -10.73
C TYR A 223 3.84 -15.23 -11.82
N VAL A 224 4.24 -15.45 -13.07
CA VAL A 224 3.30 -15.34 -14.19
C VAL A 224 2.65 -16.68 -14.49
N THR A 225 1.34 -16.67 -14.71
CA THR A 225 0.60 -17.90 -15.01
C THR A 225 -0.24 -17.82 -16.28
N GLU A 226 -0.40 -18.97 -16.93
CA GLU A 226 -1.21 -19.09 -18.13
C GLU A 226 -2.58 -18.66 -17.61
N GLU A 227 -2.89 -19.15 -16.41
CA GLU A 227 -4.13 -18.88 -15.70
C GLU A 227 -4.65 -17.49 -16.02
N LEU A 228 -5.96 -17.38 -16.06
CA LEU A 228 -6.61 -16.12 -16.36
C LEU A 228 -6.37 -15.14 -15.22
N ASP A 229 -5.98 -15.66 -14.06
CA ASP A 229 -5.75 -14.84 -12.88
C ASP A 229 -4.28 -14.63 -12.52
N GLN A 230 -3.92 -13.40 -12.16
CA GLN A 230 -2.55 -13.03 -11.77
C GLN A 230 -1.94 -14.10 -10.87
N GLY A 231 -0.74 -14.54 -11.22
CA GLY A 231 -0.03 -15.57 -10.47
C GLY A 231 0.36 -15.26 -9.03
N PRO A 232 0.90 -16.26 -8.32
CA PRO A 232 1.32 -16.09 -6.92
C PRO A 232 2.09 -14.79 -6.65
N ILE A 233 1.54 -13.95 -5.78
CA ILE A 233 2.19 -12.70 -5.41
C ILE A 233 3.43 -13.05 -4.58
N ILE A 234 4.56 -12.46 -4.95
CA ILE A 234 5.80 -12.74 -4.25
C ILE A 234 6.10 -11.68 -3.22
N GLU A 235 6.12 -10.43 -3.66
CA GLU A 235 6.40 -9.32 -2.77
C GLU A 235 5.57 -8.12 -3.17
N GLN A 236 5.27 -7.28 -2.19
CA GLN A 236 4.50 -6.07 -2.40
C GLN A 236 5.01 -5.01 -1.46
N ASP A 237 5.05 -3.77 -1.94
CA ASP A 237 5.49 -2.65 -1.14
C ASP A 237 4.91 -1.35 -1.68
N VAL A 238 5.16 -0.26 -0.98
CA VAL A 238 4.64 1.03 -1.37
C VAL A 238 5.62 2.15 -1.06
N VAL A 239 5.42 3.27 -1.75
CA VAL A 239 6.21 4.47 -1.56
C VAL A 239 5.21 5.58 -1.33
N ARG A 240 5.42 6.34 -0.27
CA ARG A 240 4.53 7.43 0.06
C ARG A 240 4.73 8.62 -0.88
N VAL A 241 3.61 9.24 -1.26
CA VAL A 241 3.63 10.43 -2.10
C VAL A 241 2.70 11.46 -1.49
N SER A 242 2.94 12.73 -1.77
CA SER A 242 2.08 13.77 -1.23
C SER A 242 1.59 14.68 -2.35
N HIS A 243 0.79 15.67 -1.97
CA HIS A 243 0.27 16.63 -2.94
C HIS A 243 1.45 17.22 -3.71
N ARG A 244 2.60 17.30 -3.05
CA ARG A 244 3.82 17.85 -3.62
C ARG A 244 4.26 17.21 -4.94
N HIS A 245 4.32 15.89 -4.98
CA HIS A 245 4.75 15.18 -6.18
C HIS A 245 3.86 15.38 -7.40
N SER A 246 4.50 15.60 -8.54
CA SER A 246 3.82 15.78 -9.81
C SER A 246 3.87 14.47 -10.56
N VAL A 247 3.02 14.30 -11.57
CA VAL A 247 3.03 13.07 -12.35
C VAL A 247 4.49 12.69 -12.67
N ARG A 248 5.35 13.69 -12.83
CA ARG A 248 6.76 13.49 -13.13
C ARG A 248 7.51 12.89 -11.95
N GLU A 249 7.24 13.41 -10.75
CA GLU A 249 7.88 12.94 -9.54
C GLU A 249 7.34 11.61 -9.01
N MET A 250 6.09 11.31 -9.32
CA MET A 250 5.48 10.05 -8.90
C MET A 250 6.10 8.94 -9.74
N LYS A 251 6.23 9.18 -11.04
CA LYS A 251 6.80 8.19 -11.93
C LYS A 251 8.21 7.80 -11.49
N ARG A 252 9.00 8.77 -11.04
CA ARG A 252 10.35 8.47 -10.59
C ARG A 252 10.29 7.65 -9.30
N LEU A 253 9.34 7.99 -8.42
CA LEU A 253 9.18 7.26 -7.17
C LEU A 253 8.72 5.83 -7.43
N GLY A 254 7.82 5.67 -8.40
CA GLY A 254 7.32 4.35 -8.74
C GLY A 254 8.37 3.46 -9.37
N ARG A 255 9.32 4.04 -10.10
CA ARG A 255 10.36 3.25 -10.75
C ARG A 255 11.35 2.75 -9.73
N GLU A 256 11.76 3.65 -8.84
CA GLU A 256 12.69 3.29 -7.79
C GLU A 256 12.05 2.17 -6.97
N LEU A 257 10.73 2.26 -6.79
CA LEU A 257 9.99 1.27 -6.02
C LEU A 257 9.89 -0.05 -6.76
N GLU A 258 9.71 0.02 -8.07
CA GLU A 258 9.61 -1.18 -8.89
C GLU A 258 10.90 -1.97 -8.96
N ARG A 259 12.01 -1.29 -9.27
CA ARG A 259 13.29 -1.96 -9.40
C ARG A 259 13.73 -2.58 -8.08
N THR A 260 13.29 -1.99 -6.98
CA THR A 260 13.63 -2.49 -5.66
C THR A 260 12.84 -3.74 -5.35
N VAL A 261 11.52 -3.65 -5.50
CA VAL A 261 10.63 -4.78 -5.26
C VAL A 261 10.96 -5.96 -6.18
N LEU A 262 11.28 -5.67 -7.44
CA LEU A 262 11.60 -6.75 -8.36
C LEU A 262 12.90 -7.44 -8.01
N ALA A 263 13.94 -6.67 -7.69
CA ALA A 263 15.21 -7.28 -7.34
C ALA A 263 15.04 -8.15 -6.08
N ARG A 264 14.27 -7.63 -5.12
CA ARG A 264 14.02 -8.33 -3.87
C ARG A 264 13.43 -9.71 -4.17
N ALA A 265 12.42 -9.75 -5.04
CA ALA A 265 11.76 -10.98 -5.45
C ALA A 265 12.71 -11.93 -6.17
N VAL A 266 13.55 -11.38 -7.05
CA VAL A 266 14.50 -12.22 -7.79
C VAL A 266 15.53 -12.81 -6.82
N ARG A 267 16.02 -11.97 -5.91
CA ARG A 267 17.00 -12.41 -4.92
C ARG A 267 16.45 -13.57 -4.08
N TRP A 268 15.18 -13.42 -3.68
CA TRP A 268 14.51 -14.44 -2.88
C TRP A 268 14.33 -15.74 -3.66
N HIS A 269 13.87 -15.61 -4.90
CA HIS A 269 13.68 -16.77 -5.75
C HIS A 269 15.01 -17.47 -5.95
N LEU A 270 16.08 -16.71 -6.07
CA LEU A 270 17.38 -17.32 -6.27
C LEU A 270 17.93 -17.98 -5.00
N GLU A 271 17.67 -17.39 -3.83
CA GLU A 271 18.15 -17.96 -2.57
C GLU A 271 17.25 -19.11 -2.13
N ASP A 272 16.31 -19.48 -3.01
CA ASP A 272 15.41 -20.59 -2.75
C ASP A 272 14.54 -20.38 -1.49
N ARG A 273 13.96 -19.19 -1.34
CA ARG A 273 13.14 -18.92 -0.16
C ARG A 273 11.64 -18.76 -0.47
N ILE A 274 11.24 -19.07 -1.70
CA ILE A 274 9.87 -18.92 -2.13
C ILE A 274 9.15 -20.26 -2.35
N LEU A 275 8.11 -20.54 -1.58
CA LEU A 275 7.36 -21.78 -1.77
C LEU A 275 5.98 -21.45 -2.31
N VAL A 276 5.62 -22.07 -3.44
CA VAL A 276 4.34 -21.82 -4.06
C VAL A 276 3.34 -22.92 -3.77
N HIS A 277 2.10 -22.52 -3.54
CA HIS A 277 1.03 -23.45 -3.29
C HIS A 277 -0.28 -22.75 -3.64
N GLU A 278 -0.97 -23.29 -4.64
CA GLU A 278 -2.21 -22.71 -5.12
C GLU A 278 -1.89 -21.46 -5.91
N ASN A 279 -2.27 -20.30 -5.38
CA ASN A 279 -1.97 -19.07 -6.06
C ASN A 279 -1.38 -18.06 -5.08
N ARG A 280 -0.65 -18.59 -4.10
CA ARG A 280 -0.02 -17.75 -3.11
C ARG A 280 1.40 -18.26 -2.90
N THR A 281 2.18 -17.55 -2.10
CA THR A 281 3.55 -17.98 -1.81
C THR A 281 3.81 -17.88 -0.34
N VAL A 282 4.81 -18.61 0.11
CA VAL A 282 5.23 -18.58 1.50
C VAL A 282 6.68 -18.18 1.30
N VAL A 283 7.03 -16.97 1.67
CA VAL A 283 8.40 -16.51 1.49
C VAL A 283 9.14 -16.63 2.81
N PHE A 284 10.19 -17.45 2.85
CA PHE A 284 10.97 -17.60 4.07
C PHE A 284 12.18 -16.66 4.10
N VAL A 285 12.00 -15.47 4.68
CA VAL A 285 13.11 -14.52 4.73
C VAL A 285 14.10 -14.85 5.86
N MET B 1 0.06 32.73 24.58
CA MET B 1 0.19 32.92 23.11
C MET B 1 -0.87 32.16 22.32
N GLU B 2 -1.42 32.81 21.31
CA GLU B 2 -2.45 32.21 20.47
C GLU B 2 -1.93 32.04 19.04
N GLU B 3 -1.98 30.81 18.54
CA GLU B 3 -1.52 30.53 17.18
C GLU B 3 -2.65 30.66 16.17
N ALA B 4 -2.51 31.61 15.27
CA ALA B 4 -3.50 31.83 14.23
C ALA B 4 -3.09 31.03 12.99
N ARG B 5 -4.06 30.51 12.25
CA ARG B 5 -3.72 29.74 11.05
C ARG B 5 -4.50 30.28 9.87
N LEU B 6 -3.75 30.64 8.83
CA LEU B 6 -4.36 31.16 7.61
C LEU B 6 -4.32 30.11 6.52
N LEU B 7 -5.47 29.56 6.14
CA LEU B 7 -5.49 28.57 5.06
C LEU B 7 -6.01 29.28 3.83
N VAL B 8 -5.26 29.18 2.74
CA VAL B 8 -5.64 29.86 1.52
C VAL B 8 -5.51 28.99 0.27
N THR B 9 -6.47 29.13 -0.63
CA THR B 9 -6.47 28.39 -1.89
C THR B 9 -7.00 29.33 -2.97
N CYS B 10 -6.32 29.39 -4.10
CA CYS B 10 -6.75 30.29 -5.17
C CYS B 10 -6.04 29.96 -6.50
N PRO B 11 -6.48 30.60 -7.60
CA PRO B 11 -5.86 30.37 -8.91
C PRO B 11 -4.40 30.81 -8.84
N ASP B 12 -3.48 29.87 -9.07
CA ASP B 12 -2.04 30.16 -9.02
C ASP B 12 -1.69 31.41 -9.78
N ARG B 13 -1.14 32.39 -9.09
CA ARG B 13 -0.76 33.65 -9.72
C ARG B 13 0.55 34.11 -9.12
N PRO B 14 1.35 34.86 -9.90
CA PRO B 14 2.62 35.30 -9.30
C PRO B 14 2.31 36.36 -8.25
N GLY B 15 3.09 36.38 -7.17
CA GLY B 15 2.91 37.37 -6.13
C GLY B 15 1.94 37.11 -4.99
N ILE B 16 1.41 35.90 -4.88
CA ILE B 16 0.46 35.59 -3.80
C ILE B 16 1.16 35.53 -2.44
N VAL B 17 2.35 34.92 -2.39
CA VAL B 17 3.10 34.83 -1.15
C VAL B 17 3.53 36.24 -0.73
N ALA B 18 3.94 37.06 -1.69
CA ALA B 18 4.36 38.43 -1.40
C ALA B 18 3.22 39.21 -0.73
N ALA B 19 2.03 39.09 -1.31
CA ALA B 19 0.85 39.79 -0.82
C ALA B 19 0.37 39.32 0.55
N VAL B 20 0.40 38.02 0.77
CA VAL B 20 -0.06 37.45 2.03
C VAL B 20 0.90 37.75 3.17
N SER B 21 2.20 37.51 2.96
CA SER B 21 3.20 37.77 3.99
C SER B 21 3.40 39.27 4.21
N GLY B 22 3.35 40.05 3.13
CA GLY B 22 3.51 41.48 3.28
C GLY B 22 2.39 41.99 4.17
N PHE B 23 1.19 41.50 3.94
CA PHE B 23 0.01 41.89 4.70
C PHE B 23 0.16 41.57 6.20
N LEU B 24 0.54 40.32 6.49
CA LEU B 24 0.72 39.86 7.86
C LEU B 24 1.81 40.69 8.54
N TYR B 25 2.84 41.02 7.79
CA TYR B 25 3.94 41.81 8.32
C TYR B 25 3.40 43.17 8.76
N ALA B 26 2.70 43.86 7.86
CA ALA B 26 2.13 45.16 8.15
C ALA B 26 1.23 45.11 9.38
N HIS B 27 0.58 43.98 9.63
CA HIS B 27 -0.29 43.83 10.78
C HIS B 27 0.45 43.36 12.03
N GLY B 28 1.78 43.42 11.99
CA GLY B 28 2.59 43.04 13.13
C GLY B 28 2.51 41.62 13.63
N ALA B 29 2.38 40.66 12.71
CA ALA B 29 2.30 39.26 13.06
C ALA B 29 3.63 38.62 12.72
N ASN B 30 3.96 37.54 13.41
CA ASN B 30 5.20 36.86 13.11
C ASN B 30 4.86 35.47 12.67
N ILE B 31 5.39 35.08 11.52
CA ILE B 31 5.13 33.76 10.98
C ILE B 31 5.97 32.70 11.69
N THR B 32 5.29 31.69 12.22
CA THR B 32 5.94 30.58 12.91
C THR B 32 6.02 29.34 12.00
N ASP B 33 5.14 29.28 11.00
CA ASP B 33 5.16 28.20 10.04
C ASP B 33 4.53 28.70 8.75
N LEU B 34 5.15 28.35 7.63
CA LEU B 34 4.68 28.77 6.31
C LEU B 34 4.88 27.60 5.36
N GLN B 35 3.81 27.22 4.66
CA GLN B 35 3.89 26.15 3.69
C GLN B 35 2.98 26.45 2.52
N GLN B 36 3.50 26.25 1.31
CA GLN B 36 2.70 26.53 0.13
C GLN B 36 2.88 25.43 -0.90
N HIS B 37 2.04 25.49 -1.94
CA HIS B 37 2.04 24.48 -2.99
C HIS B 37 1.26 24.99 -4.21
N SER B 38 1.72 24.60 -5.40
CA SER B 38 1.07 24.97 -6.66
C SER B 38 0.93 23.71 -7.51
N THR B 39 -0.30 23.35 -7.86
CA THR B 39 -0.52 22.14 -8.66
C THR B 39 0.20 22.16 -10.01
N ASP B 40 0.34 23.35 -10.59
CA ASP B 40 1.02 23.50 -11.87
C ASP B 40 1.86 24.76 -11.90
N PRO B 41 3.02 24.72 -12.57
CA PRO B 41 3.92 25.87 -12.66
C PRO B 41 3.22 27.10 -13.24
N GLU B 42 2.49 26.88 -14.32
CA GLU B 42 1.77 27.94 -15.01
C GLU B 42 0.29 27.55 -15.01
N GLY B 43 -0.54 28.39 -14.39
CA GLY B 43 -1.96 28.11 -14.30
C GLY B 43 -2.15 27.26 -13.06
N GLY B 44 -3.26 26.53 -12.98
CA GLY B 44 -3.48 25.69 -11.80
C GLY B 44 -3.94 26.42 -10.55
N THR B 45 -3.91 25.73 -9.41
CA THR B 45 -4.34 26.36 -8.18
C THR B 45 -3.28 26.38 -7.08
N PHE B 46 -3.22 27.50 -6.38
CA PHE B 46 -2.28 27.75 -5.30
C PHE B 46 -2.91 27.34 -3.96
N PHE B 47 -2.08 26.78 -3.08
CA PHE B 47 -2.50 26.37 -1.74
C PHE B 47 -1.46 26.88 -0.77
N MET B 48 -1.89 27.26 0.42
CA MET B 48 -0.95 27.74 1.41
C MET B 48 -1.52 27.75 2.84
N ARG B 49 -0.65 27.44 3.80
CA ARG B 49 -1.02 27.46 5.23
C ARG B 49 0.02 28.29 5.98
N VAL B 50 -0.44 29.34 6.67
CA VAL B 50 0.46 30.19 7.43
C VAL B 50 0.06 30.27 8.90
N ALA B 51 0.91 29.75 9.76
CA ALA B 51 0.65 29.78 11.19
C ALA B 51 1.42 30.96 11.75
N PHE B 52 0.75 31.82 12.48
CA PHE B 52 1.43 32.98 13.04
C PHE B 52 0.81 33.37 14.37
N THR B 53 1.54 34.18 15.12
CA THR B 53 1.07 34.67 16.41
C THR B 53 1.06 36.18 16.28
N ALA B 54 0.31 36.85 17.14
CA ALA B 54 0.25 38.30 17.06
C ALA B 54 -0.24 38.89 18.37
N SER B 55 0.18 40.12 18.63
CA SER B 55 -0.22 40.83 19.82
C SER B 55 -1.71 41.14 19.77
N HIS B 56 -2.46 40.60 20.71
CA HIS B 56 -3.89 40.85 20.82
C HIS B 56 -4.81 40.25 19.77
N LEU B 57 -4.76 38.93 19.59
CA LEU B 57 -5.65 38.31 18.63
C LEU B 57 -7.05 38.35 19.26
N ASP B 58 -7.31 39.40 20.03
CA ASP B 58 -8.59 39.61 20.72
C ASP B 58 -9.62 40.04 19.71
N LEU B 59 -10.36 41.12 20.02
CA LEU B 59 -11.36 41.61 19.09
C LEU B 59 -10.65 42.20 17.87
N ALA B 60 -9.32 42.05 17.88
CA ALA B 60 -8.50 42.51 16.78
C ALA B 60 -8.68 41.52 15.64
N ARG B 61 -9.34 40.41 15.94
CA ARG B 61 -9.59 39.37 14.95
C ARG B 61 -10.52 39.80 13.83
N PRO B 62 -11.75 40.26 14.17
CA PRO B 62 -12.66 40.68 13.11
C PRO B 62 -12.04 41.67 12.13
N ALA B 63 -11.25 42.60 12.66
CA ALA B 63 -10.59 43.60 11.82
C ALA B 63 -9.56 42.91 10.93
N LEU B 64 -8.85 41.95 11.51
CA LEU B 64 -7.82 41.19 10.80
C LEU B 64 -8.49 40.49 9.61
N GLU B 65 -9.66 39.93 9.86
CA GLU B 65 -10.43 39.22 8.84
C GLU B 65 -11.00 40.17 7.80
N ARG B 66 -11.46 41.34 8.24
CA ARG B 66 -12.00 42.30 7.29
C ARG B 66 -10.89 42.75 6.37
N ALA B 67 -9.82 43.26 6.95
CA ALA B 67 -8.68 43.74 6.17
C ALA B 67 -8.15 42.72 5.16
N PHE B 68 -8.01 41.46 5.58
CA PHE B 68 -7.49 40.44 4.66
C PHE B 68 -8.44 40.24 3.51
N GLN B 69 -9.74 40.24 3.80
CA GLN B 69 -10.74 40.04 2.77
C GLN B 69 -10.68 41.15 1.73
N GLU B 70 -10.63 42.39 2.20
CA GLU B 70 -10.57 43.53 1.30
C GLU B 70 -9.28 43.65 0.51
N VAL B 71 -8.17 43.73 1.23
CA VAL B 71 -6.85 43.89 0.61
C VAL B 71 -6.30 42.73 -0.21
N VAL B 72 -6.32 41.52 0.32
CA VAL B 72 -5.75 40.36 -0.39
C VAL B 72 -6.75 39.38 -1.03
N ALA B 73 -7.70 38.88 -0.25
CA ALA B 73 -8.70 37.90 -0.70
C ALA B 73 -9.46 38.20 -2.00
N SER B 74 -10.34 39.19 -1.97
CA SER B 74 -11.10 39.55 -3.15
C SER B 74 -10.19 39.72 -4.37
N ARG B 75 -9.02 40.31 -4.15
CA ARG B 75 -8.04 40.56 -5.21
C ARG B 75 -7.53 39.29 -5.89
N PHE B 76 -7.27 38.26 -5.11
CA PHE B 76 -6.74 37.02 -5.65
C PHE B 76 -7.79 35.93 -5.80
N GLN B 77 -9.06 36.27 -5.55
CA GLN B 77 -10.14 35.31 -5.70
C GLN B 77 -9.86 34.07 -4.86
N MET B 78 -9.48 34.26 -3.61
CA MET B 78 -9.18 33.10 -2.80
C MET B 78 -10.26 32.66 -1.82
N GLN B 79 -10.37 31.34 -1.66
CA GLN B 79 -11.30 30.75 -0.72
C GLN B 79 -10.32 30.65 0.45
N TRP B 80 -10.64 31.25 1.59
CA TRP B 80 -9.71 31.18 2.69
C TRP B 80 -10.39 30.98 4.01
N ARG B 81 -9.58 30.82 5.04
CA ARG B 81 -10.09 30.60 6.39
C ARG B 81 -9.00 31.03 7.35
N LEU B 82 -9.42 31.55 8.48
CA LEU B 82 -8.50 31.96 9.51
C LEU B 82 -8.95 31.25 10.77
N ALA B 83 -8.21 30.22 11.16
CA ALA B 83 -8.55 29.45 12.35
C ALA B 83 -7.66 29.81 13.52
N TYR B 84 -8.17 29.57 14.73
CA TYR B 84 -7.43 29.83 15.95
C TYR B 84 -7.30 28.53 16.75
N ALA B 85 -6.07 28.13 17.02
CA ALA B 85 -5.80 26.90 17.77
C ALA B 85 -6.72 26.68 18.97
N SER B 86 -7.02 27.73 19.72
CA SER B 86 -7.88 27.64 20.90
C SER B 86 -9.33 27.28 20.58
N GLU B 87 -9.74 27.44 19.32
CA GLU B 87 -11.11 27.10 18.94
C GLU B 87 -11.17 25.58 18.80
N ARG B 88 -11.46 24.87 19.89
CA ARG B 88 -11.55 23.42 19.81
C ARG B 88 -12.82 23.03 19.06
N LYS B 89 -12.64 22.44 17.87
CA LYS B 89 -13.77 22.05 17.04
C LYS B 89 -14.73 21.01 17.64
N ARG B 90 -16.00 21.41 17.77
CA ARG B 90 -17.04 20.55 18.29
C ARG B 90 -17.21 19.42 17.30
N THR B 91 -17.01 18.19 17.76
CA THR B 91 -17.08 17.04 16.87
C THR B 91 -17.96 15.93 17.44
N ALA B 92 -18.37 15.03 16.57
CA ALA B 92 -19.21 13.90 16.96
C ALA B 92 -18.64 12.63 16.32
N ILE B 93 -18.85 11.50 16.98
CA ILE B 93 -18.35 10.25 16.46
C ILE B 93 -19.49 9.25 16.27
N LEU B 94 -19.64 8.76 15.04
CA LEU B 94 -20.66 7.75 14.75
C LEU B 94 -19.92 6.41 14.75
N VAL B 95 -20.59 5.35 15.21
CA VAL B 95 -19.98 4.03 15.28
C VAL B 95 -21.05 2.96 15.29
N SER B 96 -20.71 1.77 14.81
CA SER B 96 -21.65 0.65 14.80
C SER B 96 -21.08 -0.45 15.67
N LYS B 97 -21.04 -1.68 15.15
CA LYS B 97 -20.53 -2.80 15.93
C LYS B 97 -19.04 -2.67 16.32
N PRO B 98 -18.12 -2.59 15.33
CA PRO B 98 -16.68 -2.48 15.60
C PRO B 98 -16.33 -1.33 16.54
N ALA B 99 -15.47 -1.58 17.51
CA ALA B 99 -15.09 -0.55 18.48
C ALA B 99 -13.63 -0.08 18.44
N HIS B 100 -12.78 -0.77 17.68
CA HIS B 100 -11.36 -0.38 17.62
C HIS B 100 -11.11 1.09 17.26
N ALA B 101 -11.80 1.58 16.24
CA ALA B 101 -11.62 2.97 15.81
C ALA B 101 -12.18 3.94 16.84
N LEU B 102 -13.29 3.59 17.46
CA LEU B 102 -13.88 4.45 18.47
C LEU B 102 -12.93 4.57 19.67
N LEU B 103 -12.53 3.44 20.22
CA LEU B 103 -11.63 3.41 21.38
C LEU B 103 -10.37 4.24 21.21
N GLU B 104 -9.71 4.11 20.06
CA GLU B 104 -8.50 4.86 19.78
C GLU B 104 -8.80 6.36 19.88
N LEU B 105 -9.87 6.79 19.20
CA LEU B 105 -10.25 8.19 19.24
C LEU B 105 -10.47 8.65 20.68
N LEU B 106 -11.25 7.87 21.42
CA LEU B 106 -11.54 8.20 22.82
C LEU B 106 -10.30 8.34 23.69
N TRP B 107 -9.38 7.40 23.57
CA TRP B 107 -8.18 7.44 24.38
C TRP B 107 -7.25 8.58 23.99
N ARG B 108 -7.00 8.74 22.69
CA ARG B 108 -6.12 9.79 22.22
C ARG B 108 -6.72 11.13 22.63
N TYR B 109 -8.04 11.23 22.59
CA TYR B 109 -8.74 12.45 22.99
C TYR B 109 -8.52 12.73 24.48
N ARG B 110 -8.69 11.71 25.31
CA ARG B 110 -8.50 11.82 26.75
C ARG B 110 -7.05 12.18 27.10
N VAL B 111 -6.10 11.58 26.40
CA VAL B 111 -4.70 11.89 26.68
C VAL B 111 -4.27 13.21 26.07
N GLY B 112 -5.22 13.92 25.46
CA GLY B 112 -4.94 15.22 24.87
C GLY B 112 -4.31 15.29 23.50
N GLU B 113 -4.14 14.15 22.84
CA GLU B 113 -3.51 14.13 21.54
C GLU B 113 -4.46 14.49 20.37
N LEU B 114 -5.73 14.78 20.67
CA LEU B 114 -6.68 15.18 19.64
C LEU B 114 -7.39 16.46 20.06
N PRO B 115 -6.94 17.62 19.55
CA PRO B 115 -7.52 18.94 19.87
C PRO B 115 -8.91 19.14 19.31
N MET B 116 -9.89 18.67 20.05
CA MET B 116 -11.28 18.79 19.63
C MET B 116 -12.11 18.86 20.87
N GLU B 117 -13.43 18.95 20.68
CA GLU B 117 -14.35 18.98 21.79
C GLU B 117 -15.41 17.95 21.48
N LEU B 118 -15.16 16.71 21.88
CA LEU B 118 -16.08 15.62 21.65
C LEU B 118 -17.39 15.98 22.39
N ARG B 119 -18.47 16.14 21.62
CA ARG B 119 -19.77 16.48 22.19
C ARG B 119 -20.60 15.22 22.39
N LEU B 120 -20.50 14.29 21.46
CA LEU B 120 -21.27 13.07 21.57
C LEU B 120 -20.85 11.93 20.65
N VAL B 121 -21.36 10.76 20.99
CA VAL B 121 -21.14 9.54 20.22
C VAL B 121 -22.55 9.03 19.92
N ILE B 122 -22.76 8.62 18.67
CA ILE B 122 -24.06 8.12 18.23
C ILE B 122 -23.86 6.75 17.60
N SER B 123 -24.74 5.80 17.92
CA SER B 123 -24.60 4.45 17.38
C SER B 123 -25.93 3.76 17.07
N ASN B 124 -25.95 2.90 16.05
CA ASN B 124 -27.16 2.17 15.69
C ASN B 124 -27.17 0.87 16.50
N HIS B 125 -26.33 0.85 17.54
CA HIS B 125 -26.17 -0.27 18.46
C HIS B 125 -25.95 0.35 19.85
N PRO B 126 -26.26 -0.41 20.91
CA PRO B 126 -26.09 0.09 22.28
C PRO B 126 -24.78 -0.37 22.91
N ASP B 127 -24.15 -1.33 22.25
CA ASP B 127 -22.90 -1.96 22.71
C ASP B 127 -21.87 -1.10 23.43
N HIS B 128 -21.58 0.09 22.92
CA HIS B 128 -20.54 0.94 23.49
C HIS B 128 -20.92 1.97 24.53
N ARG B 129 -22.19 1.98 24.94
CA ARG B 129 -22.67 2.94 25.93
C ARG B 129 -21.79 2.99 27.17
N GLU B 130 -21.61 1.85 27.81
CA GLU B 130 -20.83 1.78 29.04
C GLU B 130 -19.45 2.40 28.90
N GLU B 131 -18.69 1.98 27.89
CA GLU B 131 -17.34 2.49 27.67
C GLU B 131 -17.28 3.98 27.32
N VAL B 132 -18.12 4.42 26.38
CA VAL B 132 -18.11 5.82 25.99
C VAL B 132 -18.45 6.77 27.14
N GLU B 133 -19.48 6.42 27.92
CA GLU B 133 -19.89 7.27 29.03
C GLU B 133 -18.85 7.25 30.14
N ARG B 134 -17.98 6.25 30.14
CA ARG B 134 -16.93 6.15 31.14
C ARG B 134 -15.92 7.28 30.85
N PHE B 135 -15.95 7.78 29.62
CA PHE B 135 -15.06 8.86 29.21
C PHE B 135 -15.74 10.22 29.41
N GLY B 136 -16.94 10.19 29.98
CA GLY B 136 -17.65 11.42 30.22
C GLY B 136 -18.30 11.98 28.98
N ILE B 137 -18.54 11.15 27.97
CA ILE B 137 -19.18 11.60 26.74
C ILE B 137 -20.57 11.00 26.56
N PRO B 138 -21.55 11.83 26.20
CA PRO B 138 -22.93 11.36 26.00
C PRO B 138 -23.02 10.28 24.94
N TYR B 139 -23.83 9.27 25.21
CA TYR B 139 -24.02 8.19 24.25
C TYR B 139 -25.49 8.20 23.79
N HIS B 140 -25.71 8.29 22.48
CA HIS B 140 -27.06 8.33 21.91
C HIS B 140 -27.28 7.21 20.91
N HIS B 141 -28.14 6.26 21.29
CA HIS B 141 -28.44 5.09 20.48
C HIS B 141 -29.60 5.32 19.53
N VAL B 142 -29.34 5.33 18.23
CA VAL B 142 -30.42 5.50 17.25
C VAL B 142 -30.42 4.29 16.31
N PRO B 143 -31.35 3.36 16.52
CA PRO B 143 -31.42 2.17 15.67
C PRO B 143 -31.65 2.54 14.22
N VAL B 144 -31.30 1.63 13.31
CA VAL B 144 -31.49 1.86 11.89
C VAL B 144 -32.28 0.70 11.33
N GLU B 145 -33.60 0.85 11.35
CA GLU B 145 -34.51 -0.19 10.88
C GLU B 145 -34.78 -0.09 9.39
N LYS B 146 -34.65 -1.21 8.69
CA LYS B 146 -34.87 -1.27 7.25
C LYS B 146 -36.25 -0.69 6.96
N GLY B 147 -36.26 0.39 6.18
CA GLY B 147 -37.51 1.05 5.85
C GLY B 147 -37.67 2.31 6.68
N ARG B 148 -37.12 2.28 7.89
CA ARG B 148 -37.19 3.42 8.80
C ARG B 148 -35.85 4.19 8.87
N LYS B 149 -35.04 4.05 7.83
CA LYS B 149 -33.74 4.73 7.78
C LYS B 149 -33.95 6.24 7.81
N GLU B 150 -34.95 6.69 7.06
CA GLU B 150 -35.30 8.10 7.00
C GLU B 150 -35.40 8.68 8.40
N GLU B 151 -36.27 8.07 9.21
CA GLU B 151 -36.52 8.50 10.57
C GLU B 151 -35.23 8.57 11.40
N ALA B 152 -34.29 7.67 11.14
CA ALA B 152 -33.04 7.65 11.89
C ALA B 152 -32.19 8.89 11.60
N GLU B 153 -31.92 9.12 10.32
CA GLU B 153 -31.11 10.26 9.93
C GLU B 153 -31.59 11.59 10.48
N GLU B 154 -32.90 11.78 10.51
CA GLU B 154 -33.45 13.03 11.02
C GLU B 154 -33.07 13.23 12.49
N ARG B 155 -33.13 12.15 13.27
CA ARG B 155 -32.79 12.23 14.69
C ARG B 155 -31.31 12.48 14.85
N ILE B 156 -30.51 11.73 14.11
CA ILE B 156 -29.07 11.91 14.15
C ILE B 156 -28.75 13.37 13.87
N LEU B 157 -29.38 13.91 12.84
CA LEU B 157 -29.17 15.30 12.48
C LEU B 157 -29.63 16.29 13.53
N ALA B 158 -30.70 15.95 14.24
CA ALA B 158 -31.22 16.84 15.27
C ALA B 158 -30.19 16.96 16.38
N LEU B 159 -29.63 15.82 16.76
CA LEU B 159 -28.61 15.72 17.79
C LEU B 159 -27.36 16.52 17.41
N LEU B 160 -26.91 16.35 16.17
CA LEU B 160 -25.74 17.08 15.71
C LEU B 160 -25.99 18.60 15.71
N GLU B 161 -27.17 19.02 15.27
CA GLU B 161 -27.51 20.45 15.25
C GLU B 161 -27.55 21.02 16.65
N ALA B 162 -28.31 20.35 17.52
CA ALA B 162 -28.45 20.78 18.90
C ALA B 162 -27.09 20.89 19.58
N GLU B 163 -26.11 20.18 19.07
CA GLU B 163 -24.76 20.20 19.63
C GLU B 163 -23.82 21.13 18.86
N GLY B 164 -24.23 21.53 17.66
CA GLY B 164 -23.37 22.41 16.89
C GLY B 164 -22.10 21.70 16.48
N VAL B 165 -22.27 20.47 15.97
CA VAL B 165 -21.15 19.66 15.52
C VAL B 165 -20.57 20.28 14.24
N GLU B 166 -19.26 20.47 14.22
CA GLU B 166 -18.56 21.03 13.06
C GLU B 166 -17.87 19.92 12.28
N LEU B 167 -17.55 18.83 12.97
CA LEU B 167 -16.86 17.70 12.38
C LEU B 167 -17.56 16.40 12.77
N VAL B 168 -17.85 15.57 11.78
CA VAL B 168 -18.49 14.29 12.01
C VAL B 168 -17.49 13.21 11.60
N VAL B 169 -17.14 12.34 12.54
CA VAL B 169 -16.18 11.26 12.30
C VAL B 169 -16.87 9.90 12.28
N LEU B 170 -16.67 9.12 11.22
CA LEU B 170 -17.30 7.80 11.14
C LEU B 170 -16.31 6.69 11.54
N ALA B 171 -16.24 6.39 12.84
CA ALA B 171 -15.33 5.37 13.35
C ALA B 171 -15.89 3.98 13.07
N ARG B 172 -15.98 3.65 11.79
CA ARG B 172 -16.50 2.36 11.36
C ARG B 172 -18.00 2.29 11.61
N TYR B 173 -18.69 3.30 11.09
CA TYR B 173 -20.14 3.37 11.18
C TYR B 173 -20.59 2.54 9.97
N MET B 174 -21.32 1.46 10.22
CA MET B 174 -21.72 0.57 9.13
C MET B 174 -22.98 0.90 8.34
N GLN B 175 -23.63 2.02 8.62
CA GLN B 175 -24.84 2.37 7.88
C GLN B 175 -24.63 3.46 6.86
N ILE B 176 -25.32 3.33 5.74
CA ILE B 176 -25.23 4.30 4.66
C ILE B 176 -25.86 5.65 5.02
N LEU B 177 -25.24 6.74 4.56
CA LEU B 177 -25.73 8.08 4.82
C LEU B 177 -26.27 8.62 3.50
N SER B 178 -27.50 9.09 3.52
CA SER B 178 -28.13 9.62 2.32
C SER B 178 -27.44 10.91 1.87
N PRO B 179 -27.48 11.21 0.57
CA PRO B 179 -26.85 12.43 0.07
C PRO B 179 -27.39 13.65 0.82
N GLY B 180 -28.67 13.60 1.16
CA GLY B 180 -29.27 14.70 1.89
C GLY B 180 -28.52 14.94 3.19
N PHE B 181 -28.07 13.86 3.82
CA PHE B 181 -27.33 13.95 5.07
C PHE B 181 -25.97 14.57 4.80
N VAL B 182 -25.20 13.96 3.91
CA VAL B 182 -23.87 14.46 3.58
C VAL B 182 -23.87 15.92 3.13
N GLU B 183 -24.88 16.32 2.36
CA GLU B 183 -24.97 17.68 1.86
C GLU B 183 -24.89 18.71 2.97
N ARG B 184 -25.22 18.29 4.19
CA ARG B 184 -25.20 19.16 5.35
C ARG B 184 -23.84 19.25 6.04
N PHE B 185 -22.88 18.50 5.51
CA PHE B 185 -21.55 18.50 6.08
C PHE B 185 -20.44 18.53 5.03
N PRO B 186 -20.47 19.53 4.14
CA PRO B 186 -19.46 19.66 3.08
C PRO B 186 -18.05 19.55 3.66
N MET B 187 -17.29 18.57 3.19
CA MET B 187 -15.94 18.34 3.68
C MET B 187 -15.86 18.35 5.20
N ARG B 188 -16.89 17.83 5.86
CA ARG B 188 -16.93 17.78 7.33
C ARG B 188 -17.24 16.40 7.89
N ILE B 189 -17.13 15.38 7.04
CA ILE B 189 -17.39 14.02 7.45
C ILE B 189 -16.20 13.15 7.06
N ILE B 190 -15.40 12.73 8.03
CA ILE B 190 -14.26 11.89 7.73
C ILE B 190 -14.60 10.43 8.01
N ASN B 191 -14.33 9.59 7.03
CA ASN B 191 -14.62 8.17 7.16
C ASN B 191 -13.34 7.34 6.98
N ILE B 192 -13.38 6.09 7.44
CA ILE B 192 -12.25 5.19 7.34
C ILE B 192 -12.75 3.89 6.73
N HIS B 193 -11.83 3.10 6.15
CA HIS B 193 -12.19 1.80 5.58
C HIS B 193 -11.00 1.03 4.96
N HIS B 194 -11.20 -0.26 4.73
CA HIS B 194 -10.19 -1.15 4.18
C HIS B 194 -9.73 -0.79 2.76
N SER B 195 -8.64 -1.43 2.33
CA SER B 195 -8.05 -1.25 0.99
C SER B 195 -7.07 -2.40 0.80
N PHE B 196 -6.95 -2.91 -0.43
CA PHE B 196 -6.03 -4.02 -0.66
C PHE B 196 -5.37 -3.96 -2.04
N LEU B 197 -4.29 -4.72 -2.20
CA LEU B 197 -3.56 -4.78 -3.47
C LEU B 197 -3.53 -6.23 -3.96
N PRO B 198 -4.44 -6.61 -4.87
CA PRO B 198 -5.50 -5.80 -5.50
C PRO B 198 -6.67 -5.55 -4.56
N ALA B 199 -7.58 -4.67 -4.97
CA ALA B 199 -8.75 -4.33 -4.17
C ALA B 199 -9.72 -5.50 -4.08
N PHE B 200 -10.71 -5.38 -3.19
CA PHE B 200 -11.71 -6.45 -3.03
C PHE B 200 -13.12 -5.91 -2.83
N ALA B 201 -14.07 -6.51 -3.53
CA ALA B 201 -15.48 -6.12 -3.44
C ALA B 201 -16.36 -7.35 -3.22
N GLY B 202 -16.54 -7.72 -1.96
CA GLY B 202 -17.36 -8.87 -1.63
C GLY B 202 -17.50 -9.07 -0.14
N ALA B 203 -17.88 -10.27 0.26
CA ALA B 203 -18.05 -10.59 1.67
C ALA B 203 -16.75 -11.09 2.27
N ASP B 204 -16.32 -10.47 3.36
CA ASP B 204 -15.09 -10.84 4.05
C ASP B 204 -13.84 -10.44 3.28
N PRO B 205 -13.42 -9.17 3.41
CA PRO B 205 -12.22 -8.69 2.72
C PRO B 205 -10.97 -9.41 3.24
N TYR B 206 -10.83 -9.42 4.56
CA TYR B 206 -9.70 -10.06 5.23
C TYR B 206 -9.74 -11.57 5.01
N ARG B 207 -10.53 -11.99 4.03
CA ARG B 207 -10.68 -13.39 3.69
C ARG B 207 -10.21 -13.50 2.24
N GLN B 208 -10.77 -12.67 1.37
CA GLN B 208 -10.37 -12.66 -0.05
C GLN B 208 -8.92 -12.23 -0.19
N ALA B 209 -8.40 -11.61 0.86
CA ALA B 209 -7.01 -11.14 0.88
C ALA B 209 -6.08 -12.27 1.24
N TYR B 210 -6.33 -12.89 2.40
CA TYR B 210 -5.53 -14.02 2.85
C TYR B 210 -5.54 -15.04 1.71
N GLU B 211 -6.63 -14.96 0.93
CA GLU B 211 -6.87 -15.82 -0.21
C GLU B 211 -5.90 -15.52 -1.36
N ARG B 212 -5.77 -14.24 -1.69
CA ARG B 212 -4.89 -13.80 -2.78
C ARG B 212 -3.39 -13.83 -2.42
N GLY B 213 -3.08 -13.99 -1.14
CA GLY B 213 -1.68 -14.04 -0.74
C GLY B 213 -1.01 -12.68 -0.76
N VAL B 214 -1.73 -11.67 -0.31
CA VAL B 214 -1.20 -10.31 -0.27
C VAL B 214 -0.12 -10.19 0.82
N LYS B 215 0.74 -9.19 0.67
CA LYS B 215 1.81 -8.96 1.63
C LYS B 215 1.60 -7.62 2.30
N LEU B 216 0.51 -6.95 1.94
CA LEU B 216 0.18 -5.67 2.54
C LEU B 216 -1.31 -5.60 2.77
N ILE B 217 -1.69 -4.64 3.60
CA ILE B 217 -3.08 -4.36 3.93
C ILE B 217 -3.10 -2.83 3.92
N GLY B 218 -4.15 -2.25 3.36
CA GLY B 218 -4.22 -0.80 3.31
C GLY B 218 -5.44 -0.23 4.01
N ALA B 219 -5.33 1.03 4.43
CA ALA B 219 -6.42 1.70 5.09
C ALA B 219 -6.46 3.09 4.50
N THR B 220 -7.65 3.63 4.29
CA THR B 220 -7.80 4.95 3.69
C THR B 220 -8.81 5.82 4.41
N ALA B 221 -8.39 7.00 4.85
CA ALA B 221 -9.30 7.94 5.50
C ALA B 221 -9.64 8.99 4.44
N HIS B 222 -10.86 9.49 4.42
CA HIS B 222 -11.26 10.48 3.41
C HIS B 222 -12.53 11.26 3.76
N TYR B 223 -12.68 12.44 3.19
CA TYR B 223 -13.89 13.20 3.43
C TYR B 223 -15.01 12.56 2.63
N VAL B 224 -16.24 12.63 3.14
CA VAL B 224 -17.39 12.04 2.47
C VAL B 224 -18.12 13.04 1.59
N THR B 225 -18.50 12.61 0.39
CA THR B 225 -19.22 13.48 -0.54
C THR B 225 -20.53 12.85 -1.00
N GLU B 226 -21.48 13.70 -1.39
CA GLU B 226 -22.81 13.28 -1.83
C GLU B 226 -22.75 12.33 -3.03
N GLU B 227 -22.04 12.75 -4.07
CA GLU B 227 -21.90 11.97 -5.30
C GLU B 227 -21.54 10.50 -5.13
N LEU B 228 -21.54 9.81 -6.28
CA LEU B 228 -21.24 8.38 -6.38
C LEU B 228 -19.82 8.08 -5.92
N ASP B 229 -18.88 8.80 -6.49
CA ASP B 229 -17.46 8.66 -6.22
C ASP B 229 -17.05 8.93 -4.75
N GLN B 230 -15.98 8.25 -4.32
CA GLN B 230 -15.43 8.41 -2.97
C GLN B 230 -14.91 9.85 -2.91
N GLY B 231 -14.98 10.48 -1.74
CA GLY B 231 -14.51 11.86 -1.62
C GLY B 231 -13.00 12.04 -1.57
N PRO B 232 -12.54 13.28 -1.41
CA PRO B 232 -11.09 13.51 -1.35
C PRO B 232 -10.41 12.62 -0.32
N ILE B 233 -9.38 11.90 -0.75
CA ILE B 233 -8.62 11.05 0.16
C ILE B 233 -7.79 11.97 1.06
N ILE B 234 -7.70 11.63 2.35
CA ILE B 234 -6.93 12.45 3.30
C ILE B 234 -5.58 11.82 3.66
N GLU B 235 -5.60 10.52 3.94
CA GLU B 235 -4.43 9.77 4.33
C GLU B 235 -4.59 8.31 3.93
N GLN B 236 -3.48 7.65 3.62
CA GLN B 236 -3.48 6.25 3.27
C GLN B 236 -2.20 5.70 3.89
N ASP B 237 -2.22 4.42 4.27
CA ASP B 237 -1.06 3.76 4.85
C ASP B 237 -1.17 2.23 4.75
N VAL B 238 -0.11 1.51 5.13
CA VAL B 238 -0.14 0.05 5.04
C VAL B 238 0.52 -0.68 6.20
N VAL B 239 0.24 -1.98 6.28
CA VAL B 239 0.82 -2.85 7.28
C VAL B 239 1.24 -4.09 6.55
N ARG B 240 2.48 -4.50 6.75
CA ARG B 240 2.96 -5.68 6.07
C ARG B 240 2.43 -6.93 6.74
N VAL B 241 2.00 -7.89 5.92
CA VAL B 241 1.50 -9.17 6.41
C VAL B 241 2.28 -10.25 5.66
N SER B 242 2.17 -11.49 6.09
CA SER B 242 2.90 -12.57 5.43
C SER B 242 2.18 -13.90 5.50
N HIS B 243 2.99 -14.97 5.54
CA HIS B 243 2.45 -16.32 5.64
C HIS B 243 2.24 -16.54 7.14
N ARG B 244 3.14 -15.98 7.94
CA ARG B 244 3.07 -16.11 9.40
C ARG B 244 1.69 -15.74 9.98
N HIS B 245 1.19 -14.55 9.65
CA HIS B 245 -0.11 -14.10 10.16
C HIS B 245 -1.27 -14.92 9.61
N SER B 246 -2.29 -15.12 10.43
CA SER B 246 -3.48 -15.87 10.02
C SER B 246 -4.60 -14.90 9.64
N VAL B 247 -5.72 -15.44 9.20
CA VAL B 247 -6.86 -14.62 8.79
C VAL B 247 -7.36 -13.82 9.99
N ARG B 248 -7.05 -14.34 11.18
CA ARG B 248 -7.43 -13.71 12.44
C ARG B 248 -6.49 -12.54 12.66
N GLU B 249 -5.20 -12.84 12.72
CA GLU B 249 -4.18 -11.81 12.94
C GLU B 249 -4.10 -10.81 11.80
N MET B 250 -4.79 -11.09 10.70
CA MET B 250 -4.79 -10.18 9.57
C MET B 250 -5.84 -9.11 9.83
N LYS B 251 -6.88 -9.50 10.56
CA LYS B 251 -7.95 -8.57 10.90
C LYS B 251 -7.48 -7.67 12.02
N ARG B 252 -6.66 -8.22 12.93
CA ARG B 252 -6.15 -7.47 14.07
C ARG B 252 -5.23 -6.35 13.61
N LEU B 253 -4.36 -6.63 12.63
CA LEU B 253 -3.43 -5.63 12.10
C LEU B 253 -4.20 -4.61 11.29
N GLY B 254 -5.28 -5.06 10.65
CA GLY B 254 -6.12 -4.20 9.85
C GLY B 254 -6.86 -3.20 10.72
N ARG B 255 -7.19 -3.61 11.94
CA ARG B 255 -7.89 -2.71 12.85
C ARG B 255 -6.90 -1.67 13.35
N GLU B 256 -5.74 -2.14 13.81
CA GLU B 256 -4.73 -1.25 14.33
C GLU B 256 -4.29 -0.27 13.25
N LEU B 257 -4.43 -0.66 11.99
CA LEU B 257 -4.05 0.19 10.87
C LEU B 257 -5.11 1.26 10.69
N GLU B 258 -6.37 0.85 10.63
CA GLU B 258 -7.47 1.77 10.45
C GLU B 258 -7.53 2.78 11.56
N ARG B 259 -7.51 2.31 12.79
CA ARG B 259 -7.58 3.22 13.92
C ARG B 259 -6.49 4.28 13.87
N THR B 260 -5.27 3.87 13.53
CA THR B 260 -4.18 4.83 13.46
C THR B 260 -4.36 5.79 12.28
N VAL B 261 -4.73 5.24 11.13
CA VAL B 261 -4.94 6.03 9.93
C VAL B 261 -6.10 7.02 10.09
N LEU B 262 -7.21 6.58 10.67
CA LEU B 262 -8.33 7.49 10.87
C LEU B 262 -7.99 8.59 11.88
N ALA B 263 -7.38 8.22 13.01
CA ALA B 263 -7.05 9.20 14.04
C ALA B 263 -6.11 10.28 13.52
N ARG B 264 -5.29 9.88 12.55
CA ARG B 264 -4.31 10.77 11.93
C ARG B 264 -5.02 11.83 11.08
N ALA B 265 -5.95 11.38 10.24
CA ALA B 265 -6.70 12.30 9.39
C ALA B 265 -7.56 13.22 10.26
N VAL B 266 -7.97 12.73 11.41
CA VAL B 266 -8.79 13.54 12.31
C VAL B 266 -7.92 14.63 12.92
N ARG B 267 -6.76 14.28 13.42
CA ARG B 267 -5.86 15.26 14.01
C ARG B 267 -5.43 16.32 13.00
N TRP B 268 -5.14 15.91 11.76
CA TRP B 268 -4.72 16.86 10.74
C TRP B 268 -5.86 17.83 10.43
N HIS B 269 -7.08 17.31 10.48
CA HIS B 269 -8.26 18.13 10.23
C HIS B 269 -8.43 19.12 11.37
N LEU B 270 -8.39 18.61 12.60
CA LEU B 270 -8.55 19.43 13.79
C LEU B 270 -7.45 20.50 13.85
N GLU B 271 -6.28 20.17 13.32
CA GLU B 271 -5.15 21.09 13.33
C GLU B 271 -5.14 22.02 12.10
N ASP B 272 -6.21 21.97 11.31
CA ASP B 272 -6.35 22.84 10.15
C ASP B 272 -5.20 22.70 9.16
N ARG B 273 -4.89 21.46 8.78
CA ARG B 273 -3.79 21.22 7.84
C ARG B 273 -4.30 20.61 6.53
N ILE B 274 -5.61 20.55 6.37
CA ILE B 274 -6.20 19.96 5.19
C ILE B 274 -6.95 20.96 4.30
N LEU B 275 -6.58 20.99 3.03
CA LEU B 275 -7.24 21.87 2.10
C LEU B 275 -7.78 21.00 0.98
N VAL B 276 -9.01 21.25 0.58
CA VAL B 276 -9.60 20.47 -0.49
C VAL B 276 -9.77 21.31 -1.75
N HIS B 277 -9.51 20.67 -2.87
CA HIS B 277 -9.66 21.30 -4.16
C HIS B 277 -10.04 20.14 -5.05
N GLU B 278 -11.25 20.22 -5.61
CA GLU B 278 -11.74 19.17 -6.49
C GLU B 278 -11.99 17.93 -5.64
N ASN B 279 -11.41 16.79 -6.03
CA ASN B 279 -11.61 15.58 -5.25
C ASN B 279 -10.32 15.10 -4.59
N ARG B 280 -9.38 16.02 -4.37
CA ARG B 280 -8.10 15.68 -3.75
C ARG B 280 -7.78 16.65 -2.59
N THR B 281 -6.80 16.30 -1.78
CA THR B 281 -6.43 17.18 -0.69
C THR B 281 -4.95 17.49 -0.66
N VAL B 282 -4.63 18.59 0.00
CA VAL B 282 -3.27 19.06 0.22
C VAL B 282 -3.15 18.98 1.75
N VAL B 283 -2.17 18.23 2.25
CA VAL B 283 -2.00 18.08 3.70
C VAL B 283 -0.66 18.63 4.16
N PHE B 284 -0.68 19.79 4.79
CA PHE B 284 0.55 20.46 5.28
C PHE B 284 0.90 20.00 6.68
N VAL B 285 1.71 18.96 6.80
CA VAL B 285 2.08 18.49 8.13
C VAL B 285 3.35 19.10 8.74
#